data_4P2A
#
_entry.id   4P2A
#
_cell.length_a   113.810
_cell.length_b   113.810
_cell.length_c   94.771
_cell.angle_alpha   90.00
_cell.angle_beta   90.00
_cell.angle_gamma   120.00
#
_symmetry.space_group_name_H-M   'P 3 1 2'
#
loop_
_entity.id
_entity.type
_entity.pdbx_description
1 polymer 'Vacuolar protein sorting-associated protein 26A'
2 polymer 'Sorting nexin-27'
3 non-polymer 'MERCURY (II) ION'
4 water water
#
loop_
_entity_poly.entity_id
_entity_poly.type
_entity_poly.pdbx_seq_one_letter_code
_entity_poly.pdbx_strand_id
1 'polypeptide(L)'
;MHHHHHHMGPICEIDVALNDGETRKMAEMKTEDGKVEKHYLFYDGESVSGKVNLAFKQPGKRLEHQGIRIEFVGQIELFN
DKSNTHEFVNLVKELALPGELTQSRSYDFEFMQVEKPYESYIGANVRLRYFLKVTIVRRLTDLVKEYDLIVHQLATYPDV
NNSIKMEVGIEDCLHIEFEYNKSKYHLKDVIVGKIYFLLVRIKIQHMELQLIKKEITGIGPSTTTETETIAKYEIMDGAP
VKGESIPIRLFLAGYDPTPTMRDVNKKFSVRYFLNLVLVDEEDRRYFKQQEIILWRKAPEKLRKQRTNFHQRFESPDSQA
SAEQPEM
;
A
2 'polypeptide(L)'
;GSHGGSPRVVRIVKSESGYGFNVRGQVSEGGQLRSINGELYAPLQHVSAVLPGGAADRAGVRKGDRILEVNGVNVEGATH
KQVVDLIRAGEKELILTVLSV
;
B
#
# COMPACT_ATOMS: atom_id res chain seq x y z
N GLY A 9 24.43 -24.21 20.13
CA GLY A 9 24.46 -23.49 21.38
C GLY A 9 23.60 -24.11 22.48
N PRO A 10 23.64 -23.52 23.70
CA PRO A 10 22.78 -23.90 24.84
C PRO A 10 21.30 -23.44 24.80
N ILE A 11 20.81 -22.77 23.76
CA ILE A 11 19.40 -22.31 23.74
C ILE A 11 18.42 -23.29 23.07
N CYS A 12 17.32 -23.66 23.74
CA CYS A 12 16.34 -24.59 23.13
C CYS A 12 15.62 -23.90 21.97
N GLU A 13 15.27 -22.63 22.15
CA GLU A 13 14.73 -21.82 21.05
C GLU A 13 14.50 -20.35 21.39
N ILE A 14 14.39 -19.57 20.33
CA ILE A 14 14.14 -18.14 20.39
C ILE A 14 12.69 -17.85 20.02
N ASP A 15 11.96 -17.28 20.97
CA ASP A 15 10.54 -17.02 20.82
C ASP A 15 10.35 -15.50 20.73
N VAL A 16 9.52 -15.04 19.80
CA VAL A 16 9.10 -13.65 19.74
C VAL A 16 7.59 -13.58 19.93
N ALA A 17 7.14 -12.85 20.95
CA ALA A 17 5.71 -12.75 21.25
C ALA A 17 5.27 -11.30 21.29
N LEU A 18 4.41 -10.92 20.33
CA LEU A 18 3.85 -9.57 20.27
C LEU A 18 2.90 -9.36 21.42
N ASN A 19 2.90 -8.14 21.97
CA ASN A 19 1.96 -7.78 23.02
C ASN A 19 0.49 -7.90 22.61
N ASP A 20 0.22 -7.50 21.37
CA ASP A 20 -1.11 -7.49 20.79
C ASP A 20 -1.70 -8.88 20.82
N GLY A 21 -0.87 -9.89 20.61
CA GLY A 21 -1.22 -11.28 20.88
C GLY A 21 -2.49 -11.84 20.27
N GLU A 22 -3.45 -12.17 21.11
CA GLU A 22 -4.74 -12.67 20.63
C GLU A 22 -5.52 -11.59 19.86
N THR A 23 -5.65 -10.40 20.45
CA THR A 23 -6.45 -9.33 19.86
C THR A 23 -6.05 -8.90 18.43
N ARG A 24 -4.75 -8.69 18.17
CA ARG A 24 -4.28 -8.22 16.84
C ARG A 24 -4.70 -9.11 15.70
N LYS A 25 -5.04 -8.50 14.57
CA LYS A 25 -5.46 -9.27 13.41
C LYS A 25 -4.31 -9.90 12.64
N MET A 26 -4.66 -10.91 11.85
CA MET A 26 -3.70 -11.65 11.05
C MET A 26 -4.06 -11.60 9.57
N ALA A 27 -3.07 -11.88 8.73
CA ALA A 27 -3.25 -11.89 7.29
C ALA A 27 -2.53 -13.08 6.72
N GLU A 28 -2.97 -13.49 5.53
CA GLU A 28 -2.44 -14.66 4.85
C GLU A 28 -1.75 -14.25 3.56
N MET A 29 -0.48 -14.60 3.41
CA MET A 29 0.19 -14.39 2.13
C MET A 29 0.49 -15.74 1.48
N LYS A 30 0.40 -15.81 0.16
CA LYS A 30 0.74 -17.06 -0.51
C LYS A 30 2.25 -17.25 -0.54
N THR A 31 2.76 -18.39 -0.06
CA THR A 31 4.17 -18.71 -0.28
C THR A 31 4.37 -19.06 -1.75
N GLU A 32 5.64 -19.17 -2.13
CA GLU A 32 6.02 -19.63 -3.46
C GLU A 32 5.40 -20.99 -3.82
N ASP A 33 5.26 -21.89 -2.83
CA ASP A 33 4.65 -23.21 -3.06
C ASP A 33 3.14 -23.09 -3.26
N GLY A 34 2.55 -22.04 -2.68
CA GLY A 34 1.12 -21.84 -2.76
C GLY A 34 0.36 -22.27 -1.53
N LYS A 35 1.07 -22.77 -0.52
CA LYS A 35 0.50 -22.96 0.79
C LYS A 35 0.21 -21.54 1.34
N VAL A 36 -0.71 -21.46 2.29
CA VAL A 36 -1.06 -20.21 2.93
C VAL A 36 -0.11 -20.14 4.11
N GLU A 37 0.39 -18.96 4.40
CA GLU A 37 1.12 -18.71 5.63
C GLU A 37 0.38 -17.57 6.33
N LYS A 38 0.09 -17.76 7.61
CA LYS A 38 -0.60 -16.75 8.43
C LYS A 38 0.36 -15.92 9.31
N HIS A 39 0.31 -14.61 9.18
CA HIS A 39 1.09 -13.75 10.08
C HIS A 39 0.30 -12.54 10.59
N TYR A 40 0.82 -11.93 11.65
CA TYR A 40 0.23 -10.72 12.21
C TYR A 40 0.36 -9.60 11.18
N LEU A 41 -0.69 -8.79 11.12
CA LEU A 41 -0.85 -7.76 10.10
C LEU A 41 -0.61 -6.36 10.68
N PHE A 42 0.25 -5.57 10.06
CA PHE A 42 0.50 -4.20 10.54
C PHE A 42 0.24 -3.13 9.47
N TYR A 43 -0.01 -1.90 9.92
CA TYR A 43 -0.08 -0.73 9.04
C TYR A 43 1.05 0.25 9.30
N ASP A 44 1.28 1.13 8.34
CA ASP A 44 2.16 2.29 8.54
C ASP A 44 1.90 2.97 9.88
N GLY A 45 2.98 3.28 10.61
CA GLY A 45 2.86 4.11 11.78
C GLY A 45 2.58 3.36 13.06
N GLU A 46 2.06 2.14 12.94
CA GLU A 46 1.80 1.29 14.11
C GLU A 46 3.07 0.83 14.82
N SER A 47 3.01 0.83 16.15
CA SER A 47 4.10 0.35 16.98
C SER A 47 4.23 -1.16 16.95
N VAL A 48 5.46 -1.62 17.06
CA VAL A 48 5.71 -3.03 17.12
C VAL A 48 6.44 -3.32 18.41
N SER A 49 5.73 -4.00 19.30
CA SER A 49 6.21 -4.24 20.65
C SER A 49 5.87 -5.65 21.11
N GLY A 50 6.72 -6.18 21.96
CA GLY A 50 6.50 -7.51 22.48
C GLY A 50 7.61 -7.93 23.41
N LYS A 51 7.83 -9.23 23.46
CA LYS A 51 8.85 -9.79 24.28
C LYS A 51 9.65 -10.79 23.46
N VAL A 52 10.95 -10.88 23.74
CA VAL A 52 11.81 -11.92 23.16
C VAL A 52 12.17 -12.89 24.27
N ASN A 53 11.79 -14.15 24.12
CA ASN A 53 12.03 -15.14 25.16
C ASN A 53 13.12 -16.11 24.72
N LEU A 54 14.20 -16.15 25.47
CA LEU A 54 15.28 -17.12 25.24
C LEU A 54 15.22 -18.21 26.28
N ALA A 55 15.10 -19.45 25.83
CA ALA A 55 15.05 -20.60 26.73
C ALA A 55 16.31 -21.45 26.62
N PHE A 56 17.02 -21.63 27.73
CA PHE A 56 18.09 -22.62 27.78
C PHE A 56 17.50 -24.03 27.89
N LYS A 57 18.13 -24.98 27.19
CA LYS A 57 17.81 -26.39 27.35
C LYS A 57 18.22 -26.84 28.75
N GLN A 58 19.36 -26.37 29.22
CA GLN A 58 19.81 -26.69 30.57
C GLN A 58 20.19 -25.42 31.33
N PRO A 59 19.63 -25.25 32.53
CA PRO A 59 19.94 -24.07 33.36
C PRO A 59 21.34 -24.13 33.95
N GLY A 60 21.92 -22.96 34.23
CA GLY A 60 23.22 -22.89 34.89
C GLY A 60 24.33 -23.20 33.92
N LYS A 61 24.01 -23.07 32.64
CA LYS A 61 24.94 -23.35 31.57
C LYS A 61 25.37 -22.01 30.98
N ARG A 62 26.61 -21.59 31.23
CA ARG A 62 27.11 -20.29 30.74
C ARG A 62 27.12 -20.24 29.21
N LEU A 63 26.51 -19.20 28.65
CA LEU A 63 26.76 -18.83 27.26
C LEU A 63 27.37 -17.44 27.21
N GLU A 64 28.52 -17.34 26.53
CA GLU A 64 29.18 -16.07 26.35
C GLU A 64 28.89 -15.57 24.95
N HIS A 65 28.29 -14.38 24.88
CA HIS A 65 27.84 -13.79 23.61
C HIS A 65 28.38 -12.37 23.45
N GLN A 66 28.61 -11.94 22.22
CA GLN A 66 29.07 -10.57 21.97
C GLN A 66 27.95 -9.55 22.05
N GLY A 67 26.71 -10.02 21.98
CA GLY A 67 25.54 -9.18 22.03
C GLY A 67 24.23 -9.83 21.66
N ILE A 68 23.14 -9.21 22.10
CA ILE A 68 21.81 -9.71 21.79
C ILE A 68 20.99 -8.58 21.21
N ARG A 69 20.42 -8.83 20.03
CA ARG A 69 19.78 -7.79 19.26
C ARG A 69 18.39 -8.23 18.79
N ILE A 70 17.48 -7.28 18.63
CA ILE A 70 16.30 -7.47 17.78
C ILE A 70 16.10 -6.30 16.81
N GLU A 71 15.84 -6.62 15.55
CA GLU A 71 15.64 -5.60 14.53
C GLU A 71 14.26 -5.66 13.88
N PHE A 72 13.81 -4.52 13.38
CA PHE A 72 12.63 -4.49 12.53
C PHE A 72 13.13 -4.14 11.15
N VAL A 73 12.81 -4.99 10.19
CA VAL A 73 13.34 -4.87 8.84
C VAL A 73 12.29 -4.91 7.75
N GLY A 74 12.36 -3.90 6.90
CA GLY A 74 11.65 -3.91 5.65
C GLY A 74 12.67 -4.17 4.60
N GLN A 75 12.49 -5.28 3.90
CA GLN A 75 13.44 -5.71 2.90
C GLN A 75 12.83 -5.78 1.50
N ILE A 76 13.61 -5.37 0.50
CA ILE A 76 13.31 -5.69 -0.88
C ILE A 76 14.31 -6.70 -1.39
N GLU A 77 13.83 -7.86 -1.82
CA GLU A 77 14.72 -8.82 -2.41
C GLU A 77 14.35 -9.05 -3.86
N LEU A 78 15.30 -8.76 -4.74
CA LEU A 78 15.03 -8.78 -6.15
C LEU A 78 15.02 -10.18 -6.71
N PHE A 79 15.75 -10.36 -7.80
CA PHE A 79 15.86 -11.65 -8.46
C PHE A 79 16.26 -12.61 -7.37
N ASN A 80 15.68 -13.80 -7.42
CA ASN A 80 15.65 -14.72 -6.28
C ASN A 80 17.04 -14.96 -5.70
N ASP A 81 18.05 -15.06 -6.57
CA ASP A 81 19.44 -15.13 -6.12
C ASP A 81 19.93 -13.79 -5.57
N LYS A 82 20.84 -13.88 -4.61
CA LYS A 82 21.39 -12.72 -3.94
C LYS A 82 22.44 -12.00 -4.81
N SER A 83 22.88 -10.80 -4.44
CA SER A 83 22.40 -10.06 -3.26
C SER A 83 22.11 -8.60 -3.58
N ASN A 84 21.09 -8.37 -4.39
CA ASN A 84 20.63 -7.02 -4.65
C ASN A 84 19.78 -6.54 -3.50
N THR A 85 19.63 -7.41 -2.50
CA THR A 85 18.87 -7.15 -1.28
C THR A 85 19.25 -5.84 -0.60
N HIS A 86 18.29 -4.96 -0.37
CA HIS A 86 18.56 -3.78 0.43
C HIS A 86 17.43 -3.55 1.43
N GLU A 87 17.75 -2.99 2.58
CA GLU A 87 16.75 -2.79 3.60
C GLU A 87 16.31 -1.34 3.58
N PHE A 88 15.11 -1.08 3.06
CA PHE A 88 14.63 0.29 3.03
C PHE A 88 14.32 0.73 4.45
N VAL A 89 13.99 -0.22 5.32
CA VAL A 89 13.69 0.09 6.70
C VAL A 89 14.51 -0.78 7.64
N ASN A 90 15.14 -0.13 8.61
CA ASN A 90 15.90 -0.82 9.64
C ASN A 90 15.88 -0.08 10.97
N LEU A 91 15.26 -0.71 11.98
CA LEU A 91 15.37 -0.30 13.38
C LEU A 91 16.12 -1.34 14.22
N VAL A 92 16.93 -0.86 15.15
CA VAL A 92 17.65 -1.76 16.05
C VAL A 92 17.28 -1.52 17.51
N LYS A 93 17.13 -2.61 18.26
CA LYS A 93 17.01 -2.52 19.70
C LYS A 93 17.97 -3.50 20.33
N GLU A 94 18.87 -3.00 21.15
CA GLU A 94 19.84 -3.85 21.81
C GLU A 94 19.20 -4.40 23.06
N LEU A 95 19.15 -5.72 23.19
CA LEU A 95 18.48 -6.31 24.34
C LEU A 95 19.53 -6.60 25.40
N ALA A 96 20.78 -6.82 24.99
CA ALA A 96 21.83 -7.09 25.92
C ALA A 96 23.23 -6.81 25.38
N LEU A 97 24.07 -6.25 26.26
CA LEU A 97 25.46 -5.95 25.97
C LEU A 97 26.28 -7.23 26.01
N PRO A 98 27.46 -7.22 25.34
CA PRO A 98 28.42 -8.32 25.51
C PRO A 98 28.47 -8.78 26.94
N GLY A 99 28.23 -10.06 27.13
CA GLY A 99 28.31 -10.66 28.44
C GLY A 99 27.91 -12.10 28.41
N GLU A 100 27.05 -12.50 29.35
CA GLU A 100 26.65 -13.90 29.42
C GLU A 100 25.22 -14.12 29.97
N LEU A 101 24.78 -15.35 29.74
CA LEU A 101 23.47 -15.85 30.11
C LEU A 101 23.64 -17.22 30.73
N THR A 102 23.10 -17.39 31.93
CA THR A 102 23.16 -18.68 32.62
C THR A 102 21.77 -19.29 32.85
N GLN A 103 20.73 -18.63 32.35
CA GLN A 103 19.36 -19.00 32.67
C GLN A 103 18.41 -18.24 31.76
N SER A 104 17.30 -18.89 31.40
CA SER A 104 16.29 -18.33 30.52
C SER A 104 15.84 -16.93 30.93
N ARG A 105 15.69 -16.06 29.92
CA ARG A 105 15.57 -14.63 30.10
C ARG A 105 14.57 -14.12 29.06
N SER A 106 13.86 -13.05 29.41
CA SER A 106 12.73 -12.57 28.63
C SER A 106 12.80 -11.07 28.44
N TYR A 107 13.32 -10.65 27.29
CA TYR A 107 13.50 -9.24 26.95
C TYR A 107 12.24 -8.55 26.39
N ASP A 108 12.07 -7.29 26.77
CA ASP A 108 11.03 -6.42 26.26
C ASP A 108 11.57 -5.61 25.08
N PHE A 109 10.75 -5.44 24.05
CA PHE A 109 11.10 -4.55 22.94
C PHE A 109 9.89 -3.72 22.50
N GLU A 110 10.20 -2.58 21.90
CA GLU A 110 9.19 -1.63 21.52
C GLU A 110 9.75 -0.69 20.46
N PHE A 111 9.23 -0.80 19.24
CA PHE A 111 9.53 0.12 18.15
C PHE A 111 8.34 1.04 17.99
N MET A 112 8.56 2.36 18.15
CA MET A 112 7.47 3.21 18.60
C MET A 112 6.51 3.63 17.50
N GLN A 113 7.01 4.10 16.36
CA GLN A 113 6.07 4.41 15.26
C GLN A 113 6.76 4.13 13.98
N VAL A 114 6.43 2.99 13.42
CA VAL A 114 7.33 2.36 12.48
C VAL A 114 6.85 2.60 11.07
N GLU A 115 7.70 3.23 10.29
CA GLU A 115 7.43 3.46 8.89
C GLU A 115 7.28 2.12 8.22
N LYS A 116 6.16 1.93 7.54
CA LYS A 116 5.93 0.74 6.73
C LYS A 116 5.23 1.22 5.46
N PRO A 117 6.02 1.80 4.54
CA PRO A 117 5.64 2.51 3.31
C PRO A 117 4.96 1.64 2.32
N TYR A 118 5.33 0.37 2.34
CA TYR A 118 4.99 -0.53 1.27
C TYR A 118 4.34 -1.78 1.78
N GLU A 119 3.37 -2.22 1.00
CA GLU A 119 2.69 -3.48 1.25
C GLU A 119 3.58 -4.68 0.88
N SER A 120 3.62 -5.66 1.78
CA SER A 120 4.32 -6.91 1.54
C SER A 120 3.86 -7.48 0.24
N TYR A 121 4.84 -7.85 -0.60
CA TYR A 121 4.58 -8.50 -1.85
C TYR A 121 5.48 -9.72 -2.07
N ILE A 122 4.87 -10.89 -2.23
CA ILE A 122 5.59 -12.09 -2.60
C ILE A 122 5.40 -12.35 -4.11
N GLY A 123 6.46 -12.12 -4.87
CA GLY A 123 6.39 -12.28 -6.31
C GLY A 123 7.39 -13.26 -6.91
N ALA A 124 7.16 -13.61 -8.16
CA ALA A 124 8.01 -14.55 -8.87
C ALA A 124 9.42 -14.02 -9.08
N ASN A 125 9.54 -12.74 -9.37
CA ASN A 125 10.85 -12.14 -9.62
C ASN A 125 11.27 -11.10 -8.57
N VAL A 126 10.45 -10.91 -7.54
CA VAL A 126 10.70 -9.94 -6.48
C VAL A 126 9.97 -10.27 -5.18
N ARG A 127 10.58 -9.91 -4.06
CA ARG A 127 9.93 -10.08 -2.78
C ARG A 127 10.18 -8.87 -1.91
N LEU A 128 9.11 -8.34 -1.33
CA LEU A 128 9.18 -7.24 -0.36
C LEU A 128 8.66 -7.76 0.97
N ARG A 129 9.50 -7.70 1.99
CA ARG A 129 9.20 -8.40 3.23
C ARG A 129 9.43 -7.55 4.46
N TYR A 130 8.63 -7.77 5.49
CA TYR A 130 8.90 -7.18 6.79
C TYR A 130 9.06 -8.27 7.82
N PHE A 131 10.03 -8.11 8.72
CA PHE A 131 10.24 -9.10 9.77
C PHE A 131 10.95 -8.55 10.99
N LEU A 132 10.70 -9.22 12.11
CA LEU A 132 11.50 -9.02 13.31
C LEU A 132 12.64 -10.03 13.30
N LYS A 133 13.89 -9.56 13.45
CA LYS A 133 15.02 -10.48 13.48
C LYS A 133 15.78 -10.42 14.81
N VAL A 134 15.72 -11.51 15.57
CA VAL A 134 16.55 -11.66 16.74
C VAL A 134 17.93 -12.25 16.43
N THR A 135 18.98 -11.49 16.76
CA THR A 135 20.35 -11.92 16.51
C THR A 135 21.13 -12.06 17.81
N ILE A 136 21.79 -13.20 17.99
CA ILE A 136 22.72 -13.38 19.12
C ILE A 136 24.16 -13.39 18.63
N VAL A 137 24.89 -12.33 18.92
CA VAL A 137 26.25 -12.20 18.41
C VAL A 137 27.25 -13.06 19.19
N ARG A 138 27.88 -13.97 18.46
CA ARG A 138 28.85 -14.91 19.02
C ARG A 138 30.14 -14.87 18.21
N ARG A 139 31.15 -15.59 18.73
CA ARG A 139 32.39 -15.96 18.02
C ARG A 139 32.72 -15.20 16.73
N THR A 141 29.96 -16.95 13.93
CA THR A 141 28.66 -17.19 13.31
C THR A 141 27.53 -16.90 14.31
N ASP A 142 26.84 -15.79 14.14
CA ASP A 142 25.78 -15.39 15.07
C ASP A 142 24.52 -16.26 14.90
N LEU A 143 23.79 -16.48 15.99
CA LEU A 143 22.47 -17.11 15.90
C LEU A 143 21.38 -16.08 15.55
N VAL A 144 20.55 -16.44 14.58
CA VAL A 144 19.57 -15.56 14.01
C VAL A 144 18.18 -16.20 14.03
N LYS A 145 17.17 -15.40 14.36
CA LYS A 145 15.78 -15.82 14.32
C LYS A 145 14.94 -14.74 13.63
N GLU A 146 14.09 -15.15 12.72
CA GLU A 146 13.25 -14.21 11.98
C GLU A 146 11.77 -14.46 12.25
N TYR A 147 11.03 -13.37 12.43
CA TYR A 147 9.63 -13.43 12.76
C TYR A 147 8.87 -12.58 11.74
N ASP A 148 8.08 -13.24 10.92
CA ASP A 148 7.50 -12.58 9.76
C ASP A 148 6.27 -11.78 10.12
N LEU A 149 6.23 -10.59 9.51
CA LEU A 149 5.13 -9.63 9.63
C LEU A 149 4.60 -9.28 8.25
N ILE A 150 3.31 -9.00 8.19
CA ILE A 150 2.71 -8.52 6.97
C ILE A 150 2.28 -7.07 7.13
N VAL A 151 2.46 -6.28 6.08
CA VAL A 151 2.00 -4.89 6.02
C VAL A 151 1.02 -4.70 4.86
N HIS A 152 -0.12 -4.07 5.10
CA HIS A 152 -1.03 -3.72 4.00
C HIS A 152 -1.04 -2.22 3.77
N GLN A 153 -1.10 -1.82 2.51
CA GLN A 153 -1.25 -0.45 2.15
C GLN A 153 -2.73 -0.11 1.89
N LEU A 154 -3.32 0.72 2.74
CA LEU A 154 -4.72 1.15 2.58
C LEU A 154 -4.82 2.42 1.73
N ALA A 155 -5.97 2.65 1.12
CA ALA A 155 -6.19 3.91 0.44
C ALA A 155 -7.66 4.24 0.44
N THR A 156 -8.00 5.41 -0.10
CA THR A 156 -9.40 5.79 -0.21
C THR A 156 -9.66 6.60 -1.48
N TYR A 157 -10.77 6.26 -2.14
CA TYR A 157 -11.18 6.91 -3.38
C TYR A 157 -12.69 6.98 -3.43
N PRO A 158 -13.21 8.04 -4.06
CA PRO A 158 -14.66 8.26 -4.12
C PRO A 158 -15.39 7.24 -5.03
N ASP A 159 -16.65 6.93 -4.71
CA ASP A 159 -17.47 6.04 -5.54
C ASP A 159 -18.08 6.81 -6.69
N VAL A 160 -17.39 6.85 -7.82
CA VAL A 160 -17.91 7.55 -9.00
C VAL A 160 -17.70 6.66 -10.22
N ASN A 161 -18.38 6.97 -11.30
CA ASN A 161 -18.22 6.18 -12.53
C ASN A 161 -17.51 6.99 -13.62
N ASN A 162 -16.28 6.57 -13.92
CA ASN A 162 -15.47 7.17 -14.96
C ASN A 162 -15.92 6.75 -16.34
N SER A 163 -16.46 5.54 -16.39
CA SER A 163 -17.13 5.06 -17.58
C SER A 163 -16.13 5.02 -18.72
N ILE A 164 -14.99 4.40 -18.49
CA ILE A 164 -14.02 4.15 -19.55
C ILE A 164 -14.57 3.15 -20.56
N LYS A 165 -14.09 3.23 -21.80
CA LYS A 165 -14.31 2.17 -22.79
C LYS A 165 -13.03 1.85 -23.59
N MET A 166 -12.95 0.60 -24.04
CA MET A 166 -11.94 0.18 -25.00
C MET A 166 -12.64 -0.53 -26.13
N GLU A 167 -12.05 -0.42 -27.31
CA GLU A 167 -12.70 -0.98 -28.47
C GLU A 167 -11.74 -1.88 -29.23
N VAL A 168 -12.30 -2.91 -29.84
CA VAL A 168 -11.54 -3.67 -30.82
C VAL A 168 -12.18 -3.44 -32.16
N GLY A 169 -11.47 -2.77 -33.05
CA GLY A 169 -12.06 -2.42 -34.33
C GLY A 169 -11.09 -2.51 -35.50
N ILE A 170 -11.55 -3.15 -36.57
CA ILE A 170 -10.79 -3.28 -37.80
C ILE A 170 -11.00 -2.06 -38.69
N GLU A 171 -12.28 -1.70 -38.87
CA GLU A 171 -12.72 -0.46 -39.51
C GLU A 171 -14.24 -0.61 -39.67
N ASP A 172 -14.75 -0.28 -40.86
CA ASP A 172 -16.15 -0.51 -41.21
C ASP A 172 -16.68 -1.94 -41.10
N CYS A 173 -15.86 -2.98 -41.13
CA CYS A 173 -16.52 -4.29 -41.17
C CYS A 173 -16.75 -4.84 -39.75
N LEU A 174 -15.82 -4.68 -38.82
CA LEU A 174 -16.05 -5.20 -37.46
C LEU A 174 -15.63 -4.25 -36.33
N HIS A 175 -16.53 -4.12 -35.37
CA HIS A 175 -16.35 -3.16 -34.31
C HIS A 175 -16.97 -3.68 -33.03
N ILE A 176 -16.15 -3.74 -31.99
CA ILE A 176 -16.57 -4.23 -30.68
C ILE A 176 -16.10 -3.25 -29.62
N GLU A 177 -17.02 -2.86 -28.74
CA GLU A 177 -16.71 -1.91 -27.67
C GLU A 177 -16.94 -2.52 -26.30
N PHE A 178 -16.02 -2.29 -25.37
CA PHE A 178 -16.20 -2.75 -23.99
C PHE A 178 -16.25 -1.56 -23.07
N GLU A 179 -17.32 -1.43 -22.29
CA GLU A 179 -17.43 -0.27 -21.45
C GLU A 179 -17.54 -0.69 -19.98
N TYR A 180 -16.71 -0.09 -19.11
CA TYR A 180 -16.73 -0.39 -17.68
C TYR A 180 -16.70 0.90 -16.87
N ASN A 181 -17.14 0.80 -15.62
CA ASN A 181 -17.53 1.96 -14.83
C ASN A 181 -16.42 2.83 -14.25
N LYS A 182 -15.32 2.23 -13.78
CA LYS A 182 -14.19 3.02 -13.28
C LYS A 182 -12.82 2.61 -13.84
N SER A 183 -11.82 3.44 -13.60
CA SER A 183 -10.44 3.06 -13.87
C SER A 183 -9.73 2.66 -12.55
N LYS A 184 -10.38 2.88 -11.42
CA LYS A 184 -9.82 2.50 -10.12
C LYS A 184 -10.81 1.71 -9.32
N TYR A 185 -10.41 0.50 -8.97
CA TYR A 185 -11.27 -0.43 -8.24
C TYR A 185 -10.60 -0.83 -6.95
N HIS A 186 -11.40 -0.99 -5.91
CA HIS A 186 -10.87 -1.56 -4.69
C HIS A 186 -10.97 -3.12 -4.67
N LEU A 187 -10.11 -3.73 -3.87
CA LEU A 187 -9.88 -5.17 -3.87
C LEU A 187 -11.13 -6.06 -3.69
N LYS A 188 -12.18 -5.52 -3.11
CA LYS A 188 -13.45 -6.26 -3.03
C LYS A 188 -14.50 -5.66 -3.95
N ASP A 189 -14.09 -4.98 -5.01
CA ASP A 189 -15.05 -4.21 -5.77
C ASP A 189 -15.62 -5.07 -6.88
N VAL A 190 -16.66 -4.57 -7.54
CA VAL A 190 -17.19 -5.21 -8.73
C VAL A 190 -16.87 -4.38 -9.94
N ILE A 191 -16.24 -5.00 -10.94
CA ILE A 191 -16.12 -4.33 -12.22
C ILE A 191 -17.43 -4.49 -12.95
N VAL A 192 -18.01 -3.38 -13.39
CA VAL A 192 -19.30 -3.43 -14.05
C VAL A 192 -19.16 -2.99 -15.48
N GLY A 193 -19.60 -3.85 -16.39
CA GLY A 193 -19.33 -3.65 -17.80
C GLY A 193 -20.48 -3.99 -18.72
N LYS A 194 -20.31 -3.54 -19.96
CA LYS A 194 -21.20 -3.91 -21.04
C LYS A 194 -20.32 -4.12 -22.27
N ILE A 195 -20.58 -5.20 -23.01
CA ILE A 195 -19.96 -5.40 -24.33
C ILE A 195 -20.89 -5.08 -25.50
N TYR A 196 -20.67 -3.93 -26.14
CA TYR A 196 -21.50 -3.52 -27.26
C TYR A 196 -21.04 -4.05 -28.60
N PHE A 197 -21.90 -4.80 -29.29
CA PHE A 197 -21.60 -5.17 -30.67
C PHE A 197 -22.04 -4.08 -31.61
N LEU A 198 -21.21 -3.06 -31.78
CA LEU A 198 -21.59 -1.94 -32.64
C LEU A 198 -21.68 -2.41 -34.08
N LEU A 199 -20.76 -3.28 -34.47
CA LEU A 199 -20.67 -3.71 -35.86
C LEU A 199 -20.04 -5.09 -36.02
N VAL A 200 -20.70 -5.93 -36.79
CA VAL A 200 -20.29 -7.31 -36.99
C VAL A 200 -20.48 -7.70 -38.46
N ARG A 201 -19.68 -7.18 -39.39
CA ARG A 201 -19.84 -7.60 -40.77
C ARG A 201 -19.21 -8.99 -40.85
N ILE A 202 -18.42 -9.30 -39.84
CA ILE A 202 -17.73 -10.57 -39.78
C ILE A 202 -17.95 -11.25 -38.43
N LYS A 203 -18.44 -12.49 -38.57
CA LYS A 203 -18.61 -13.46 -37.51
C LYS A 203 -17.43 -13.50 -36.50
N ILE A 204 -17.74 -13.62 -35.22
CA ILE A 204 -16.70 -13.71 -34.20
C ILE A 204 -16.50 -15.15 -33.70
N GLN A 205 -15.32 -15.72 -33.90
CA GLN A 205 -15.04 -17.09 -33.47
C GLN A 205 -14.91 -17.21 -31.95
N HIS A 206 -14.24 -16.24 -31.32
CA HIS A 206 -14.00 -16.29 -29.88
C HIS A 206 -13.80 -14.88 -29.32
N MET A 207 -14.32 -14.64 -28.13
CA MET A 207 -14.05 -13.38 -27.48
C MET A 207 -13.78 -13.60 -26.00
N GLU A 208 -12.75 -12.92 -25.51
CA GLU A 208 -12.32 -13.08 -24.14
C GLU A 208 -12.10 -11.74 -23.51
N LEU A 209 -12.49 -11.67 -22.26
CA LEU A 209 -12.13 -10.56 -21.43
C LEU A 209 -11.27 -11.15 -20.33
N GLN A 210 -10.09 -10.57 -20.12
CA GLN A 210 -9.15 -11.12 -19.14
C GLN A 210 -8.54 -10.04 -18.26
N LEU A 211 -8.53 -10.30 -16.95
CA LEU A 211 -7.87 -9.45 -15.98
C LEU A 211 -6.49 -10.01 -15.69
N ILE A 212 -5.44 -9.23 -15.97
CA ILE A 212 -4.09 -9.75 -15.79
C ILE A 212 -3.24 -8.83 -14.92
N LYS A 213 -2.18 -9.40 -14.34
CA LYS A 213 -1.20 -8.66 -13.53
C LYS A 213 0.18 -8.69 -14.16
N LYS A 214 0.79 -7.52 -14.28
CA LYS A 214 2.15 -7.39 -14.77
C LYS A 214 3.12 -6.99 -13.67
N GLU A 215 4.02 -7.88 -13.32
CA GLU A 215 5.06 -7.55 -12.35
C GLU A 215 6.35 -7.22 -13.05
N ILE A 216 6.77 -5.96 -12.91
CA ILE A 216 7.93 -5.49 -13.62
C ILE A 216 9.10 -5.26 -12.68
N THR A 217 10.11 -6.10 -12.85
CA THR A 217 11.13 -6.26 -11.84
C THR A 217 12.48 -5.92 -12.38
N GLY A 218 12.64 -4.67 -12.78
CA GLY A 218 13.88 -4.20 -13.33
C GLY A 218 14.51 -3.00 -12.63
N ILE A 219 15.81 -2.86 -12.87
CA ILE A 219 16.57 -1.69 -12.48
C ILE A 219 17.23 -1.06 -13.72
N GLY A 220 16.91 0.21 -13.98
CA GLY A 220 17.41 0.92 -15.16
C GLY A 220 17.06 0.24 -16.47
N PRO A 221 18.05 0.10 -17.37
CA PRO A 221 17.91 -0.65 -18.63
C PRO A 221 17.52 -2.12 -18.41
N SER A 222 18.20 -2.81 -17.50
CA SER A 222 17.79 -4.14 -17.05
C SER A 222 16.35 -4.10 -16.61
N THR A 223 15.51 -4.90 -17.27
CA THR A 223 14.07 -4.89 -17.01
C THR A 223 13.52 -6.27 -17.34
N THR A 224 12.50 -6.68 -16.59
CA THR A 224 11.89 -7.98 -16.75
C THR A 224 10.42 -7.89 -16.40
N THR A 225 9.58 -8.50 -17.23
CA THR A 225 8.15 -8.57 -16.96
C THR A 225 7.67 -10.02 -16.82
N GLU A 226 6.96 -10.27 -15.72
CA GLU A 226 6.22 -11.51 -15.50
C GLU A 226 4.73 -11.20 -15.54
N THR A 227 4.02 -11.91 -16.40
CA THR A 227 2.59 -11.69 -16.54
C THR A 227 1.82 -12.91 -16.10
N GLU A 228 0.75 -12.68 -15.35
CA GLU A 228 -0.13 -13.75 -14.87
C GLU A 228 -1.56 -13.36 -15.13
N THR A 229 -2.40 -14.35 -15.38
CA THR A 229 -3.80 -14.10 -15.65
C THR A 229 -4.63 -14.43 -14.42
N ILE A 230 -5.09 -13.37 -13.76
CA ILE A 230 -5.99 -13.46 -12.62
C ILE A 230 -7.34 -14.05 -13.06
N ALA A 231 -7.97 -13.49 -14.09
CA ALA A 231 -9.30 -13.98 -14.50
C ALA A 231 -9.52 -14.07 -16.03
N LYS A 232 -10.47 -14.91 -16.45
CA LYS A 232 -10.97 -14.97 -17.83
C LYS A 232 -12.49 -14.95 -17.87
N TYR A 233 -13.00 -14.09 -18.74
CA TYR A 233 -14.43 -14.00 -19.03
C TYR A 233 -14.65 -14.49 -20.47
N GLU A 234 -15.22 -15.68 -20.63
CA GLU A 234 -15.28 -16.29 -21.94
C GLU A 234 -16.56 -15.88 -22.64
N ILE A 235 -16.62 -14.61 -23.05
CA ILE A 235 -17.83 -13.99 -23.60
C ILE A 235 -18.43 -14.74 -24.79
N MET A 236 -17.58 -15.30 -25.65
CA MET A 236 -18.08 -16.05 -26.79
C MET A 236 -17.27 -17.28 -27.16
N ASP A 237 -17.89 -18.45 -27.06
CA ASP A 237 -17.42 -19.64 -27.76
C ASP A 237 -17.68 -19.46 -29.25
N GLY A 238 -18.73 -18.67 -29.55
CA GLY A 238 -19.03 -18.23 -30.91
C GLY A 238 -19.85 -19.21 -31.73
N ALA A 239 -20.73 -18.71 -32.60
CA ALA A 239 -20.87 -17.28 -32.87
C ALA A 239 -22.34 -16.84 -33.06
N PRO A 240 -22.89 -16.08 -32.09
CA PRO A 240 -24.06 -15.23 -32.32
C PRO A 240 -23.78 -13.77 -31.93
N SER A 245 -26.44 -6.43 -26.61
CA SER A 245 -25.11 -6.45 -26.02
C SER A 245 -25.11 -7.40 -24.81
N ILE A 246 -23.94 -7.62 -24.18
CA ILE A 246 -23.83 -8.51 -23.00
C ILE A 246 -23.29 -7.82 -21.75
N PRO A 247 -24.02 -7.91 -20.63
CA PRO A 247 -23.58 -7.30 -19.36
C PRO A 247 -22.39 -8.02 -18.75
N ILE A 248 -21.38 -7.28 -18.30
CA ILE A 248 -20.23 -7.90 -17.64
C ILE A 248 -20.08 -7.47 -16.18
N ARG A 249 -20.02 -8.45 -15.29
CA ARG A 249 -19.75 -8.27 -13.86
C ARG A 249 -18.59 -9.13 -13.43
N LEU A 250 -17.49 -8.50 -13.08
CA LEU A 250 -16.32 -9.23 -12.61
C LEU A 250 -16.08 -8.92 -11.14
N PHE A 251 -16.16 -9.96 -10.33
CA PHE A 251 -16.14 -9.84 -8.88
C PHE A 251 -14.73 -10.03 -8.37
N LEU A 252 -14.12 -8.93 -7.92
CA LEU A 252 -12.71 -9.00 -7.58
C LEU A 252 -12.48 -9.81 -6.32
N ALA A 253 -13.50 -9.86 -5.45
CA ALA A 253 -13.34 -10.46 -4.14
C ALA A 253 -13.08 -11.99 -4.13
N GLY A 254 -13.52 -12.72 -5.14
CA GLY A 254 -13.23 -14.14 -5.19
C GLY A 254 -11.74 -14.38 -5.39
N TYR A 255 -11.11 -13.43 -6.08
CA TYR A 255 -9.71 -13.55 -6.47
C TYR A 255 -8.79 -13.04 -5.37
N ASP A 256 -7.49 -13.06 -5.62
CA ASP A 256 -6.62 -12.52 -4.60
C ASP A 256 -5.60 -11.54 -5.17
N PRO A 257 -6.11 -10.42 -5.70
CA PRO A 257 -5.19 -9.41 -6.25
C PRO A 257 -4.53 -8.58 -5.13
N THR A 258 -3.47 -7.87 -5.49
CA THR A 258 -2.82 -6.96 -4.55
C THR A 258 -3.07 -5.56 -5.07
N PRO A 259 -2.93 -4.54 -4.22
CA PRO A 259 -3.09 -3.20 -4.78
C PRO A 259 -2.08 -2.95 -5.87
N THR A 260 -2.35 -2.02 -6.79
CA THR A 260 -1.33 -1.54 -7.70
C THR A 260 -0.14 -1.03 -6.88
N MET A 261 1.07 -1.42 -7.25
CA MET A 261 2.28 -0.94 -6.62
C MET A 261 3.16 -0.37 -7.71
N ARG A 262 3.58 0.88 -7.55
CA ARG A 262 4.19 1.62 -8.65
C ARG A 262 5.59 2.13 -8.30
N ASP A 263 6.61 1.61 -8.99
CA ASP A 263 7.96 2.16 -8.86
C ASP A 263 8.45 2.06 -7.43
N VAL A 264 8.07 0.99 -6.75
CA VAL A 264 8.44 0.83 -5.36
C VAL A 264 9.97 0.78 -5.21
N ASN A 265 10.54 1.87 -4.72
CA ASN A 265 11.98 2.00 -4.53
C ASN A 265 12.71 1.79 -5.85
N LYS A 266 12.03 2.12 -6.94
CA LYS A 266 12.45 1.84 -8.33
C LYS A 266 12.75 0.36 -8.58
N LYS A 267 12.62 -0.49 -7.56
CA LYS A 267 12.98 -1.88 -7.74
C LYS A 267 11.94 -2.59 -8.58
N PHE A 268 10.68 -2.29 -8.34
CA PHE A 268 9.63 -2.99 -9.06
C PHE A 268 8.31 -2.27 -9.10
N SER A 269 7.42 -2.79 -9.96
CA SER A 269 6.08 -2.30 -10.08
C SER A 269 5.14 -3.47 -10.28
N VAL A 270 3.89 -3.32 -9.88
CA VAL A 270 2.88 -4.34 -10.11
C VAL A 270 1.68 -3.60 -10.63
N ARG A 271 1.17 -3.99 -11.78
CA ARG A 271 0.06 -3.28 -12.38
C ARG A 271 -0.96 -4.24 -12.90
N TYR A 272 -2.18 -3.76 -13.03
CA TYR A 272 -3.26 -4.63 -13.39
C TYR A 272 -3.93 -4.11 -14.63
N PHE A 273 -4.25 -5.02 -15.55
CA PHE A 273 -4.79 -4.60 -16.83
C PHE A 273 -6.03 -5.38 -17.18
N LEU A 274 -6.93 -4.69 -17.86
CA LEU A 274 -8.04 -5.34 -18.52
C LEU A 274 -7.63 -5.56 -19.97
N ASN A 275 -7.77 -6.80 -20.43
CA ASN A 275 -7.52 -7.16 -21.81
C ASN A 275 -8.82 -7.59 -22.48
N LEU A 276 -9.10 -7.02 -23.64
CA LEU A 276 -10.16 -7.49 -24.54
C LEU A 276 -9.56 -8.26 -25.73
N VAL A 277 -9.80 -9.56 -25.79
CA VAL A 277 -9.23 -10.40 -26.84
C VAL A 277 -10.34 -10.99 -27.72
N LEU A 278 -10.21 -10.83 -29.02
CA LEU A 278 -11.21 -11.31 -29.97
C LEU A 278 -10.59 -12.12 -31.11
N VAL A 279 -11.23 -13.23 -31.49
CA VAL A 279 -10.79 -13.95 -32.68
C VAL A 279 -11.91 -13.99 -33.71
N ASP A 280 -11.62 -13.59 -34.96
CA ASP A 280 -12.63 -13.58 -36.02
C ASP A 280 -12.71 -14.91 -36.78
N GLU A 281 -13.60 -14.98 -37.77
CA GLU A 281 -13.72 -16.18 -38.62
C GLU A 281 -12.45 -16.49 -39.38
N GLU A 282 -11.54 -15.52 -39.47
CA GLU A 282 -10.32 -15.70 -40.26
C GLU A 282 -9.18 -16.11 -39.37
N ASP A 283 -9.51 -16.36 -38.11
CA ASP A 283 -8.54 -16.73 -37.08
C ASP A 283 -7.53 -15.62 -36.86
N ARG A 284 -7.96 -14.40 -37.13
CA ARG A 284 -7.14 -13.25 -36.86
C ARG A 284 -7.44 -12.77 -35.45
N ARG A 285 -6.37 -12.55 -34.70
CA ARG A 285 -6.49 -12.12 -33.32
C ARG A 285 -6.45 -10.60 -33.18
N TYR A 286 -7.28 -10.10 -32.27
CA TYR A 286 -7.39 -8.69 -31.98
C TYR A 286 -7.19 -8.45 -30.48
N PHE A 287 -6.43 -7.42 -30.14
CA PHE A 287 -6.02 -7.26 -28.76
C PHE A 287 -6.00 -5.82 -28.33
N LYS A 288 -6.66 -5.55 -27.22
CA LYS A 288 -6.65 -4.22 -26.66
C LYS A 288 -6.48 -4.34 -25.14
N GLN A 289 -5.64 -3.48 -24.57
CA GLN A 289 -5.27 -3.57 -23.16
C GLN A 289 -5.34 -2.22 -22.48
N GLN A 290 -5.94 -2.19 -21.30
CA GLN A 290 -6.01 -0.94 -20.52
C GLN A 290 -5.61 -1.17 -19.08
N GLU A 291 -4.99 -0.18 -18.49
CA GLU A 291 -4.58 -0.36 -17.12
C GLU A 291 -5.66 0.10 -16.16
N ILE A 292 -5.92 -0.71 -15.14
CA ILE A 292 -6.73 -0.27 -14.01
C ILE A 292 -5.94 -0.30 -12.72
N ILE A 293 -6.29 0.61 -11.81
CA ILE A 293 -5.62 0.72 -10.51
C ILE A 293 -6.42 0.05 -9.40
N LEU A 294 -5.77 -0.86 -8.68
CA LEU A 294 -6.40 -1.48 -7.55
C LEU A 294 -5.92 -0.90 -6.25
N TRP A 295 -6.83 -0.74 -5.29
CA TRP A 295 -6.45 -0.27 -3.98
C TRP A 295 -7.17 -1.06 -2.90
N ARG A 296 -6.67 -0.96 -1.66
CA ARG A 296 -7.27 -1.69 -0.55
C ARG A 296 -8.03 -0.71 0.31
N LYS A 297 -9.31 -0.99 0.48
CA LYS A 297 -10.16 -0.14 1.30
C LYS A 297 -9.98 -0.51 2.76
N ALA A 298 -9.92 0.48 3.64
CA ALA A 298 -9.79 0.22 5.06
C ALA A 298 -10.90 -0.71 5.55
N PRO A 299 -10.56 -1.61 6.49
CA PRO A 299 -11.51 -2.54 7.10
C PRO A 299 -12.69 -1.88 7.83
N GLU A 300 -12.36 -0.87 8.65
CA GLU A 300 -13.28 -0.21 9.60
C GLU A 300 -14.58 0.26 8.96
N GLY B 5 3.65 15.96 15.71
CA GLY B 5 2.61 16.44 14.81
C GLY B 5 1.19 16.07 15.23
N SER B 6 0.96 16.00 16.55
CA SER B 6 -0.36 15.77 17.15
C SER B 6 -1.33 16.89 16.77
N PRO B 7 -2.66 16.60 16.65
CA PRO B 7 -3.58 17.58 16.08
C PRO B 7 -3.98 18.68 17.04
N ARG B 8 -3.97 19.93 16.58
CA ARG B 8 -4.27 21.07 17.43
C ARG B 8 -5.17 22.05 16.70
N VAL B 9 -5.89 22.89 17.42
CA VAL B 9 -6.76 23.86 16.77
C VAL B 9 -6.20 25.27 16.76
N VAL B 10 -6.57 26.00 15.73
CA VAL B 10 -5.97 27.28 15.53
C VAL B 10 -7.08 28.23 15.09
N ARG B 11 -7.21 29.38 15.74
CA ARG B 11 -8.28 30.32 15.38
C ARG B 11 -7.75 31.61 14.77
N ILE B 12 -7.87 31.73 13.45
CA ILE B 12 -7.37 32.90 12.74
C ILE B 12 -8.43 33.98 12.47
N VAL B 13 -8.35 35.10 13.18
CA VAL B 13 -9.26 36.22 12.98
C VAL B 13 -8.84 37.09 11.81
N LYS B 14 -9.69 37.17 10.80
CA LYS B 14 -9.35 37.88 9.57
C LYS B 14 -8.93 39.27 9.89
N SER B 15 -7.75 39.59 9.39
CA SER B 15 -7.16 40.87 9.68
C SER B 15 -6.93 41.50 8.33
N GLU B 16 -7.41 42.74 8.20
CA GLU B 16 -7.16 43.51 7.00
C GLU B 16 -7.61 42.71 5.75
N SER B 17 -6.64 42.39 4.92
CA SER B 17 -6.92 41.69 3.71
C SER B 17 -7.11 40.18 3.93
N GLY B 18 -6.08 39.53 4.47
CA GLY B 18 -6.11 38.08 4.57
C GLY B 18 -6.06 37.34 5.91
N TYR B 19 -6.16 36.02 5.80
CA TYR B 19 -5.85 35.09 6.88
C TYR B 19 -4.35 35.02 7.03
N GLY B 20 -3.67 35.50 6.00
CA GLY B 20 -2.23 35.62 6.01
C GLY B 20 -1.54 34.28 5.95
N PHE B 21 -2.17 33.32 5.30
CA PHE B 21 -1.45 32.08 5.02
C PHE B 21 -1.78 31.55 3.64
N ASN B 22 -0.91 30.68 3.16
CA ASN B 22 -1.09 30.00 1.90
C ASN B 22 -1.06 28.48 2.03
N VAL B 23 -1.79 27.81 1.13
CA VAL B 23 -1.96 26.36 1.09
C VAL B 23 -1.48 25.77 -0.24
N ARG B 24 -0.65 24.73 -0.17
CA ARG B 24 -0.30 23.95 -1.35
C ARG B 24 -0.52 22.43 -1.12
N GLY B 25 -0.84 21.71 -2.20
CA GLY B 25 -1.05 20.27 -2.14
C GLY B 25 -1.69 19.62 -3.37
N GLN B 26 -2.15 18.38 -3.20
CA GLN B 26 -2.57 17.56 -4.36
C GLN B 26 -3.79 18.07 -5.10
N VAL B 27 -3.79 17.85 -6.41
CA VAL B 27 -4.92 18.19 -7.25
C VAL B 27 -5.98 17.09 -7.27
N SER B 28 -5.57 15.88 -6.94
CA SER B 28 -6.51 14.77 -7.04
C SER B 28 -7.24 14.54 -5.71
N GLU B 29 -8.45 13.98 -5.81
CA GLU B 29 -9.21 13.49 -4.66
C GLU B 29 -8.70 12.12 -4.18
N GLY B 30 -8.90 11.84 -2.89
CA GLY B 30 -8.36 10.63 -2.28
C GLY B 30 -6.85 10.39 -2.32
N GLY B 31 -6.45 9.16 -1.99
CA GLY B 31 -5.05 8.76 -2.09
C GLY B 31 -4.66 7.72 -1.05
N GLN B 32 -3.37 7.53 -0.85
CA GLN B 32 -2.94 6.51 0.09
C GLN B 32 -3.16 6.94 1.55
N LEU B 33 -3.39 5.98 2.44
CA LEU B 33 -3.44 6.27 3.87
C LEU B 33 -2.05 6.09 4.47
N ARG B 34 -1.48 7.18 4.95
CA ARG B 34 -0.14 7.16 5.56
C ARG B 34 -0.21 7.67 7.00
N SER B 35 0.73 7.23 7.83
CA SER B 35 0.73 7.62 9.23
C SER B 35 1.30 9.00 9.46
N ILE B 36 0.63 9.73 10.34
CA ILE B 36 1.19 10.93 10.97
C ILE B 36 1.01 10.70 12.47
N ASN B 37 2.10 10.68 13.24
CA ASN B 37 1.98 10.37 14.67
C ASN B 37 1.32 9.02 14.95
N GLY B 38 1.74 8.00 14.20
CA GLY B 38 1.10 6.70 14.29
C GLY B 38 -0.39 6.64 13.95
N GLU B 39 -0.97 7.72 13.44
CA GLU B 39 -2.39 7.71 13.10
C GLU B 39 -2.52 7.79 11.59
N LEU B 40 -3.42 7.02 10.99
CA LEU B 40 -3.52 7.02 9.52
C LEU B 40 -4.40 8.14 8.96
N TYR B 41 -3.87 8.87 7.98
CA TYR B 41 -4.67 9.86 7.27
C TYR B 41 -4.56 9.73 5.74
N ALA B 42 -5.66 10.01 5.05
CA ALA B 42 -5.63 10.29 3.61
C ALA B 42 -4.80 11.56 3.39
N PRO B 43 -4.32 11.80 2.17
CA PRO B 43 -3.47 12.97 1.91
C PRO B 43 -4.08 14.31 2.34
N LEU B 44 -3.24 15.18 2.88
CA LEU B 44 -3.67 16.47 3.46
C LEU B 44 -2.99 17.67 2.79
N GLN B 45 -3.73 18.77 2.71
CA GLN B 45 -3.18 20.03 2.23
C GLN B 45 -2.22 20.54 3.30
N HIS B 46 -1.24 21.36 2.95
CA HIS B 46 -0.43 21.95 4.02
C HIS B 46 -0.18 23.43 3.86
N VAL B 47 0.29 24.03 4.94
CA VAL B 47 0.51 25.45 4.94
C VAL B 47 1.87 25.67 4.32
N SER B 48 1.88 26.28 3.13
CA SER B 48 3.12 26.59 2.41
C SER B 48 3.74 27.87 2.90
N ALA B 49 2.90 28.85 3.19
CA ALA B 49 3.46 30.09 3.62
C ALA B 49 2.64 30.72 4.74
N VAL B 50 3.34 31.44 5.60
CA VAL B 50 2.73 32.20 6.66
C VAL B 50 3.28 33.60 6.53
N LEU B 51 2.41 34.60 6.48
CA LEU B 51 2.88 35.98 6.42
C LEU B 51 3.28 36.45 7.81
N PRO B 52 4.57 36.82 8.00
CA PRO B 52 5.08 37.27 9.30
C PRO B 52 4.28 38.41 9.89
N GLY B 53 3.75 38.20 11.09
CA GLY B 53 2.95 39.19 11.77
C GLY B 53 1.53 39.22 11.28
N GLY B 54 1.22 38.40 10.29
CA GLY B 54 -0.14 38.32 9.78
C GLY B 54 -1.06 37.65 10.78
N ALA B 55 -2.32 37.50 10.40
CA ALA B 55 -3.31 36.94 11.29
C ALA B 55 -3.06 35.46 11.62
N ALA B 56 -2.54 34.68 10.67
CA ALA B 56 -2.28 33.26 10.95
C ALA B 56 -1.04 33.12 11.81
N ASP B 57 -0.08 34.00 11.63
CA ASP B 57 1.13 33.94 12.44
C ASP B 57 0.80 34.20 13.91
N ARG B 58 -0.06 35.15 14.19
CA ARG B 58 -0.42 35.42 15.57
C ARG B 58 -1.24 34.27 16.14
N ALA B 59 -2.02 33.60 15.28
CA ALA B 59 -2.89 32.52 15.72
C ALA B 59 -2.07 31.26 15.96
N GLY B 60 -0.82 31.26 15.50
CA GLY B 60 0.08 30.15 15.80
C GLY B 60 0.14 29.08 14.74
N VAL B 61 -0.33 29.40 13.54
CA VAL B 61 -0.12 28.59 12.34
C VAL B 61 1.33 28.63 11.90
N ARG B 62 1.91 27.44 11.70
CA ARG B 62 3.31 27.32 11.36
C ARG B 62 3.47 26.74 9.95
N LYS B 63 4.59 27.06 9.31
CA LYS B 63 4.84 26.58 7.96
C LYS B 63 4.89 25.06 8.01
N GLY B 64 4.31 24.40 7.01
CA GLY B 64 4.31 22.95 6.94
C GLY B 64 3.08 22.27 7.53
N ASP B 65 2.37 22.97 8.41
CA ASP B 65 1.15 22.42 9.03
C ASP B 65 0.22 21.80 8.04
N ARG B 66 -0.20 20.58 8.34
CA ARG B 66 -1.13 19.92 7.46
C ARG B 66 -2.53 20.03 8.05
N ILE B 67 -3.44 20.53 7.21
CA ILE B 67 -4.83 20.83 7.58
C ILE B 67 -5.72 19.60 7.57
N LEU B 68 -6.16 19.20 8.76
CA LEU B 68 -7.04 18.06 8.92
C LEU B 68 -8.50 18.52 8.78
N GLU B 69 -8.82 19.67 9.37
CA GLU B 69 -10.17 20.25 9.20
C GLU B 69 -10.18 21.76 9.00
N VAL B 70 -11.24 22.23 8.34
CA VAL B 70 -11.53 23.64 8.21
C VAL B 70 -12.88 23.85 8.86
N ASN B 71 -12.90 24.68 9.89
CA ASN B 71 -14.12 24.90 10.66
C ASN B 71 -14.83 23.61 11.04
N GLY B 72 -14.04 22.64 11.54
CA GLY B 72 -14.54 21.34 11.95
C GLY B 72 -14.89 20.32 10.86
N VAL B 73 -14.72 20.70 9.60
CA VAL B 73 -15.05 19.85 8.47
C VAL B 73 -13.80 19.11 7.95
N ASN B 74 -13.78 17.80 8.12
CA ASN B 74 -12.60 17.00 7.78
C ASN B 74 -12.34 17.13 6.29
N VAL B 75 -11.09 17.34 5.92
CA VAL B 75 -10.70 17.52 4.53
C VAL B 75 -9.57 16.55 4.08
N GLU B 76 -9.41 15.44 4.78
CA GLU B 76 -8.59 14.32 4.29
C GLU B 76 -8.90 13.96 2.85
N GLY B 77 -7.89 13.88 2.01
CA GLY B 77 -8.15 13.45 0.66
C GLY B 77 -8.61 14.53 -0.30
N ALA B 78 -8.99 15.71 0.22
CA ALA B 78 -9.54 16.76 -0.61
C ALA B 78 -8.55 17.32 -1.65
N THR B 79 -9.12 17.80 -2.74
CA THR B 79 -8.33 18.45 -3.78
C THR B 79 -7.93 19.83 -3.31
N HIS B 80 -6.97 20.43 -3.99
CA HIS B 80 -6.48 21.76 -3.59
C HIS B 80 -7.56 22.84 -3.71
N LYS B 81 -8.31 22.82 -4.80
CA LYS B 81 -9.44 23.72 -4.98
C LYS B 81 -10.48 23.63 -3.87
N GLN B 82 -10.87 22.42 -3.50
CA GLN B 82 -11.87 22.24 -2.44
C GLN B 82 -11.47 22.96 -1.17
N VAL B 83 -10.21 22.81 -0.77
CA VAL B 83 -9.82 23.33 0.52
C VAL B 83 -9.76 24.86 0.44
N VAL B 84 -8.97 25.33 -0.52
CA VAL B 84 -8.90 26.73 -0.89
C VAL B 84 -10.26 27.42 -0.97
N ASP B 85 -11.23 26.84 -1.70
CA ASP B 85 -12.57 27.42 -1.74
C ASP B 85 -13.20 27.48 -0.34
N LEU B 86 -12.91 26.48 0.49
CA LEU B 86 -13.51 26.36 1.82
C LEU B 86 -12.95 27.38 2.80
N ILE B 87 -11.66 27.65 2.66
CA ILE B 87 -11.00 28.73 3.36
C ILE B 87 -11.61 30.05 2.92
N ARG B 88 -11.81 30.23 1.62
CA ARG B 88 -12.38 31.48 1.17
C ARG B 88 -13.88 31.65 1.43
N ALA B 89 -14.46 30.97 2.43
CA ALA B 89 -15.86 31.24 2.79
C ALA B 89 -16.10 32.74 2.97
N GLY B 90 -15.09 33.44 3.47
CA GLY B 90 -15.14 34.89 3.62
C GLY B 90 -15.52 35.25 5.04
N GLU B 91 -15.56 34.24 5.90
CA GLU B 91 -16.02 34.46 7.25
C GLU B 91 -14.86 35.01 8.08
N LYS B 92 -15.18 35.98 8.93
CA LYS B 92 -14.17 36.76 9.62
C LYS B 92 -13.30 35.95 10.60
N GLU B 93 -13.82 34.85 11.16
CA GLU B 93 -12.98 33.92 11.93
C GLU B 93 -12.94 32.54 11.30
N LEU B 94 -11.71 32.06 11.09
CA LEU B 94 -11.46 30.75 10.51
C LEU B 94 -10.83 29.85 11.54
N ILE B 95 -11.33 28.63 11.71
CA ILE B 95 -10.68 27.74 12.66
C ILE B 95 -10.12 26.54 11.91
N LEU B 96 -8.81 26.32 12.07
CA LEU B 96 -8.19 25.17 11.42
C LEU B 96 -7.82 24.12 12.47
N THR B 97 -7.92 22.86 12.09
CA THR B 97 -7.34 21.78 12.88
C THR B 97 -6.15 21.28 12.11
N VAL B 98 -4.96 21.40 12.69
CA VAL B 98 -3.75 21.15 11.94
C VAL B 98 -2.87 20.10 12.58
N LEU B 99 -2.10 19.43 11.74
CA LEU B 99 -1.09 18.48 12.18
C LEU B 99 0.29 19.07 11.89
N SER B 100 0.98 19.50 12.93
CA SER B 100 2.26 20.16 12.73
C SER B 100 3.28 19.19 12.12
N VAL B 101 4.35 19.76 11.55
CA VAL B 101 5.47 18.98 11.02
C VAL B 101 6.14 18.15 12.10
#